data_6NRI
#
_entry.id   6NRI
#
_cell.length_a   92.616
_cell.length_b   92.616
_cell.length_c   142.072
_cell.angle_alpha   90.000
_cell.angle_beta   90.000
_cell.angle_gamma   90.000
#
_symmetry.space_group_name_H-M   'I 41 2 2'
#
loop_
_entity.id
_entity.type
_entity.pdbx_description
1 polymer 'Poly [ADP-ribose] polymerase 1'
2 non-polymer (2Z)-2-{[4-(3-cyclopropyl-5,6-dihydro[1,2,4]triazolo[4,3-a]pyrazine-7(8H)-carbonyl)phenyl]methylidene}-3-oxo-2,3-dihydro-1-benzofuran-7-carboxamide
3 non-polymer 'CITRIC ACID'
4 non-polymer 'DIMETHYL SULFOXIDE'
5 non-polymer 'CHLORIDE ION'
6 water water
#
_entity_poly.entity_id   1
_entity_poly.type   'polypeptide(L)'
_entity_poly.pdbx_seq_one_letter_code
;MGSSHHHHHHSSGLVPRGSHMTKSKLPKPVQDLIKMIFGSGSGSGGDPIDVNYEKLKTDIKVVDRDSEEAEIIRKYVKNT
HATTHNAYDLEVIDIFKIEREGECQRYKPFKQLHNRRLLWHGSRTTNFAGILSQGLRIAPPEAPVTGYMFGKGIYFADMV
SKSANYCHTSQGDPIGLILLGEVALGNMYELKHASHISKLPKGKHSVKGLGKTTPDPSANISLDGVDVPLGTGISSGVND
TSLLYNEYIVYDIAQVNLKYLLKLKFNFKTS
;
_entity_poly.pdbx_strand_id   A
#
# COMPACT_ATOMS: atom_id res chain seq x y z
N LYS A 23 -13.30 24.12 -17.03
CA LYS A 23 -14.22 24.28 -15.88
C LYS A 23 -13.66 23.62 -14.62
N SER A 24 -12.72 22.67 -14.69
CA SER A 24 -12.12 22.13 -13.42
C SER A 24 -11.14 23.17 -12.84
N LYS A 25 -11.14 23.31 -11.51
CA LYS A 25 -10.25 24.24 -10.81
C LYS A 25 -9.14 23.46 -10.10
N LEU A 26 -9.05 22.16 -10.38
CA LEU A 26 -8.04 21.32 -9.79
C LEU A 26 -6.76 21.41 -10.62
N PRO A 27 -5.58 21.24 -9.97
CA PRO A 27 -4.31 21.11 -10.68
C PRO A 27 -4.43 19.95 -11.69
N LYS A 28 -3.83 20.11 -12.87
CA LYS A 28 -3.98 19.15 -13.98
C LYS A 28 -3.65 17.70 -13.54
N PRO A 29 -2.55 17.41 -12.81
CA PRO A 29 -2.26 16.03 -12.42
C PRO A 29 -3.37 15.37 -11.60
N VAL A 30 -4.10 16.18 -10.83
CA VAL A 30 -5.22 15.72 -10.03
C VAL A 30 -6.41 15.44 -10.96
N GLN A 31 -6.64 16.33 -11.94
CA GLN A 31 -7.72 16.12 -12.91
C GLN A 31 -7.51 14.79 -13.63
N ASP A 32 -6.28 14.52 -14.10
CA ASP A 32 -5.95 13.28 -14.83
C ASP A 32 -6.09 12.09 -13.88
N LEU A 33 -5.73 12.26 -12.60
CA LEU A 33 -6.01 11.20 -11.61
C LEU A 33 -7.52 10.93 -11.60
N ILE A 34 -8.33 11.99 -11.46
CA ILE A 34 -9.76 11.82 -11.33
C ILE A 34 -10.30 11.07 -12.55
N LYS A 35 -9.84 11.45 -13.75
CA LYS A 35 -10.33 10.86 -15.02
C LYS A 35 -10.07 9.36 -15.03
N MET A 36 -8.83 9.00 -14.68
CA MET A 36 -8.36 7.63 -14.57
C MET A 36 -9.25 6.82 -13.58
N ILE A 37 -9.51 7.41 -12.41
CA ILE A 37 -10.26 6.74 -11.36
C ILE A 37 -11.72 6.54 -11.76
N PHE A 38 -12.30 7.45 -12.54
CA PHE A 38 -13.74 7.34 -12.86
C PHE A 38 -13.96 6.98 -14.35
N GLY A 39 -13.33 5.92 -14.84
CA GLY A 39 -13.58 5.43 -16.21
C GLY A 39 -12.84 6.25 -17.26
N GLY A 46 -19.36 10.51 -16.81
CA GLY A 46 -20.41 11.43 -17.25
C GLY A 46 -20.34 12.76 -16.53
N ASP A 47 -19.94 12.73 -15.24
CA ASP A 47 -20.00 13.89 -14.32
C ASP A 47 -18.74 14.76 -14.47
N PRO A 48 -18.83 16.09 -14.22
CA PRO A 48 -17.63 16.93 -14.19
C PRO A 48 -16.57 16.44 -13.18
N ILE A 49 -15.32 16.70 -13.52
CA ILE A 49 -14.17 16.27 -12.78
C ILE A 49 -14.30 16.68 -11.32
N ASP A 50 -14.71 17.92 -11.09
CA ASP A 50 -14.63 18.50 -9.78
C ASP A 50 -15.67 17.83 -8.87
N VAL A 51 -16.83 17.47 -9.42
CA VAL A 51 -17.91 16.78 -8.67
C VAL A 51 -17.48 15.34 -8.33
N ASN A 52 -16.79 14.65 -9.25
CA ASN A 52 -16.28 13.31 -8.97
C ASN A 52 -15.18 13.39 -7.91
N TYR A 53 -14.38 14.47 -7.93
CA TYR A 53 -13.36 14.69 -6.91
C TYR A 53 -14.02 14.67 -5.53
N GLU A 54 -15.13 15.41 -5.40
CA GLU A 54 -15.84 15.58 -4.14
C GLU A 54 -16.34 14.24 -3.63
N LYS A 55 -16.75 13.34 -4.54
CA LYS A 55 -17.21 11.99 -4.19
C LYS A 55 -16.14 11.19 -3.42
N LEU A 56 -14.86 11.45 -3.70
CA LEU A 56 -13.77 10.75 -3.04
C LEU A 56 -13.65 11.12 -1.56
N LYS A 57 -14.17 12.29 -1.18
CA LYS A 57 -14.11 12.72 0.21
C LYS A 57 -12.67 12.61 0.72
N THR A 58 -11.72 13.00 -0.15
CA THR A 58 -10.27 12.83 0.07
C THR A 58 -9.55 14.10 -0.40
N ASP A 59 -8.77 14.74 0.50
CA ASP A 59 -7.90 15.86 0.09
C ASP A 59 -6.72 15.26 -0.68
N ILE A 60 -6.48 15.76 -1.90
CA ILE A 60 -5.43 15.19 -2.76
C ILE A 60 -4.49 16.32 -3.18
N LYS A 61 -3.19 16.19 -2.90
CA LYS A 61 -2.21 17.22 -3.29
C LYS A 61 -1.08 16.55 -4.05
N VAL A 62 -0.60 17.23 -5.10
CA VAL A 62 0.58 16.82 -5.85
C VAL A 62 1.77 17.05 -4.93
N VAL A 63 2.63 16.04 -4.78
CA VAL A 63 3.87 16.18 -4.09
C VAL A 63 4.86 16.68 -5.14
N ASP A 64 5.68 17.69 -4.83
CA ASP A 64 6.63 18.19 -5.84
C ASP A 64 7.65 17.08 -6.15
N ARG A 65 7.86 16.84 -7.45
CA ARG A 65 8.84 15.84 -7.99
C ARG A 65 10.19 15.96 -7.25
N ASP A 66 10.67 17.18 -6.97
CA ASP A 66 12.04 17.42 -6.44
C ASP A 66 12.02 17.71 -4.95
N SER A 67 11.02 17.19 -4.24
CA SER A 67 10.92 17.27 -2.79
C SER A 67 11.58 16.05 -2.13
N GLU A 68 11.77 16.14 -0.82
CA GLU A 68 12.38 15.10 0.00
C GLU A 68 11.45 13.88 0.08
N GLU A 69 10.15 14.14 0.23
CA GLU A 69 9.16 13.09 0.25
C GLU A 69 9.25 12.28 -1.04
N ALA A 70 9.24 12.99 -2.17
CA ALA A 70 9.18 12.36 -3.47
C ALA A 70 10.44 11.51 -3.69
N GLU A 71 11.58 11.99 -3.19
CA GLU A 71 12.86 11.28 -3.28
C GLU A 71 12.80 9.98 -2.49
N ILE A 72 12.33 10.05 -1.25
CA ILE A 72 12.20 8.88 -0.42
C ILE A 72 11.26 7.88 -1.09
N ILE A 73 10.13 8.38 -1.60
CA ILE A 73 9.15 7.50 -2.18
C ILE A 73 9.72 6.81 -3.45
N ARG A 74 10.43 7.57 -4.30
CA ARG A 74 10.97 7.03 -5.53
C ARG A 74 12.03 5.97 -5.20
N LYS A 75 12.71 6.14 -4.06
CA LYS A 75 13.72 5.21 -3.59
C LYS A 75 13.09 3.90 -3.11
N TYR A 76 11.99 4.01 -2.35
CA TYR A 76 11.23 2.88 -1.86
C TYR A 76 10.83 1.99 -3.05
N VAL A 77 10.43 2.66 -4.14
CA VAL A 77 9.97 2.00 -5.34
C VAL A 77 11.18 1.29 -5.95
N LYS A 78 12.28 2.05 -6.07
CA LYS A 78 13.48 1.63 -6.74
C LYS A 78 14.05 0.36 -6.09
N ASN A 79 14.10 0.35 -4.77
CA ASN A 79 14.88 -0.61 -4.02
C ASN A 79 14.07 -1.86 -3.66
N THR A 80 12.73 -1.77 -3.67
CA THR A 80 11.88 -2.84 -3.09
CA THR A 80 11.87 -2.82 -3.09
C THR A 80 11.13 -3.57 -4.21
N HIS A 81 11.61 -3.42 -5.45
CA HIS A 81 11.12 -4.20 -6.60
C HIS A 81 11.80 -5.57 -6.58
N ALA A 82 11.01 -6.63 -6.40
CA ALA A 82 11.49 -7.99 -6.23
C ALA A 82 12.07 -8.51 -7.55
N THR A 83 13.12 -9.33 -7.44
CA THR A 83 13.85 -9.89 -8.59
C THR A 83 12.99 -10.93 -9.33
N THR A 84 12.01 -11.47 -8.62
CA THR A 84 11.05 -12.44 -9.11
C THR A 84 10.02 -11.73 -10.01
N HIS A 85 9.85 -10.41 -9.86
CA HIS A 85 8.81 -9.66 -10.57
C HIS A 85 9.42 -8.89 -11.74
N ASN A 86 9.99 -9.60 -12.71
CA ASN A 86 10.84 -8.96 -13.70
C ASN A 86 10.13 -8.89 -15.06
N ALA A 87 8.80 -9.03 -15.08
CA ALA A 87 8.01 -8.87 -16.31
C ALA A 87 7.85 -7.39 -16.65
N TYR A 88 8.16 -6.49 -15.70
CA TYR A 88 8.06 -5.07 -15.89
C TYR A 88 8.98 -4.32 -14.92
N ASP A 89 9.29 -3.07 -15.30
CA ASP A 89 9.88 -2.01 -14.47
C ASP A 89 8.79 -1.00 -14.07
N LEU A 90 9.02 -0.28 -12.98
CA LEU A 90 8.11 0.71 -12.51
C LEU A 90 8.73 2.09 -12.61
N GLU A 91 7.94 3.06 -13.10
CA GLU A 91 8.28 4.45 -13.06
C GLU A 91 7.14 5.21 -12.37
N VAL A 92 7.52 6.03 -11.39
CA VAL A 92 6.59 6.88 -10.68
C VAL A 92 6.23 8.08 -11.58
N ILE A 93 4.97 8.21 -12.00
CA ILE A 93 4.55 9.38 -12.82
C ILE A 93 4.22 10.56 -11.89
N ASP A 94 3.25 10.34 -10.99
CA ASP A 94 2.85 11.34 -10.04
C ASP A 94 2.75 10.68 -8.66
N ILE A 95 3.08 11.48 -7.67
CA ILE A 95 2.93 11.17 -6.28
C ILE A 95 1.86 12.13 -5.75
N PHE A 96 0.83 11.58 -5.10
CA PHE A 96 -0.21 12.37 -4.48
C PHE A 96 -0.18 12.12 -2.98
N LYS A 97 -0.21 13.20 -2.18
CA LYS A 97 -0.48 13.06 -0.77
C LYS A 97 -1.99 13.15 -0.55
N ILE A 98 -2.52 12.24 0.26
CA ILE A 98 -3.97 12.10 0.38
C ILE A 98 -4.37 12.07 1.86
N GLU A 99 -5.51 12.71 2.15
CA GLU A 99 -6.10 12.78 3.48
C GLU A 99 -7.58 12.42 3.36
N ARG A 100 -7.94 11.20 3.71
CA ARG A 100 -9.35 10.80 3.77
C ARG A 100 -10.04 11.53 4.92
N GLU A 101 -11.21 12.11 4.64
CA GLU A 101 -12.07 12.66 5.65
C GLU A 101 -12.32 11.58 6.71
N GLY A 102 -12.23 12.01 7.97
CA GLY A 102 -12.50 11.15 9.10
C GLY A 102 -11.34 10.27 9.49
N GLU A 103 -10.33 10.09 8.63
CA GLU A 103 -9.35 9.08 8.96
C GLU A 103 -8.44 9.53 10.10
N CYS A 104 -8.09 10.82 10.17
CA CYS A 104 -7.22 11.29 11.23
C CYS A 104 -7.84 10.89 12.60
N GLN A 105 -9.10 11.23 12.77
CA GLN A 105 -9.86 10.90 13.96
C GLN A 105 -9.93 9.37 14.18
N ARG A 106 -10.13 8.59 13.11
CA ARG A 106 -10.31 7.14 13.19
C ARG A 106 -9.02 6.43 13.64
N TYR A 107 -7.88 6.95 13.16
CA TYR A 107 -6.56 6.35 13.35
C TYR A 107 -6.04 6.64 14.75
N LYS A 108 -6.54 7.74 15.34
CA LYS A 108 -6.07 8.31 16.56
C LYS A 108 -5.80 7.28 17.65
N PRO A 109 -6.68 6.27 17.93
CA PRO A 109 -6.34 5.25 18.93
C PRO A 109 -4.99 4.54 18.69
N PHE A 110 -4.50 4.54 17.44
CA PHE A 110 -3.33 3.75 17.06
C PHE A 110 -2.11 4.62 16.71
N LYS A 111 -2.26 5.95 16.75
CA LYS A 111 -1.27 6.90 16.23
C LYS A 111 0.01 6.82 17.08
N GLN A 112 -0.10 6.37 18.33
CA GLN A 112 1.06 6.23 19.21
C GLN A 112 1.49 4.76 19.34
N LEU A 113 0.72 3.85 18.76
CA LEU A 113 1.07 2.47 18.79
C LEU A 113 2.49 2.36 18.23
N HIS A 114 3.28 1.46 18.80
CA HIS A 114 4.58 1.18 18.25
C HIS A 114 4.46 0.43 16.93
N ASN A 115 5.59 0.41 16.24
CA ASN A 115 5.77 -0.33 15.03
C ASN A 115 4.70 0.09 14.02
N ARG A 116 4.75 1.38 13.63
CA ARG A 116 3.94 1.93 12.56
C ARG A 116 4.84 2.01 11.32
N ARG A 117 4.35 1.50 10.20
CA ARG A 117 5.22 1.33 9.03
C ARG A 117 4.48 1.81 7.77
N LEU A 118 5.26 2.34 6.83
CA LEU A 118 4.71 2.82 5.58
C LEU A 118 4.80 1.69 4.58
N LEU A 119 3.64 1.11 4.20
CA LEU A 119 3.58 -0.12 3.41
C LEU A 119 2.71 0.06 2.17
N TRP A 120 2.94 -0.83 1.18
CA TRP A 120 2.26 -0.75 -0.13
C TRP A 120 0.93 -1.47 -0.06
N HIS A 121 -0.03 -0.96 -0.83
CA HIS A 121 -1.23 -1.67 -1.15
C HIS A 121 -1.66 -1.36 -2.57
N GLY A 122 -1.66 -2.40 -3.41
CA GLY A 122 -2.05 -2.28 -4.80
C GLY A 122 -3.45 -2.79 -5.02
N SER A 123 -4.16 -2.18 -5.97
CA SER A 123 -5.50 -2.65 -6.37
C SER A 123 -5.80 -2.17 -7.79
N ARG A 124 -6.86 -2.72 -8.39
CA ARG A 124 -7.26 -2.34 -9.73
C ARG A 124 -7.69 -0.88 -9.70
N THR A 125 -7.45 -0.18 -10.81
CA THR A 125 -7.85 1.22 -10.95
C THR A 125 -9.34 1.41 -10.59
N THR A 126 -10.19 0.46 -10.99
CA THR A 126 -11.64 0.58 -10.84
C THR A 126 -12.09 0.50 -9.37
N ASN A 127 -11.18 0.08 -8.47
CA ASN A 127 -11.45 -0.02 -7.03
C ASN A 127 -11.20 1.31 -6.32
N PHE A 128 -10.50 2.25 -6.98
CA PHE A 128 -9.90 3.39 -6.27
C PHE A 128 -10.94 4.42 -5.84
N ALA A 129 -12.04 4.56 -6.57
CA ALA A 129 -13.14 5.42 -6.15
C ALA A 129 -13.64 4.96 -4.78
N GLY A 130 -13.94 3.65 -4.67
CA GLY A 130 -14.39 3.02 -3.41
C GLY A 130 -13.36 3.16 -2.32
N ILE A 131 -12.10 2.89 -2.66
CA ILE A 131 -11.03 2.82 -1.69
C ILE A 131 -10.84 4.19 -1.04
N LEU A 132 -10.81 5.24 -1.85
CA LEU A 132 -10.62 6.60 -1.34
C LEU A 132 -11.87 7.05 -0.58
N SER A 133 -13.05 6.78 -1.13
CA SER A 133 -14.28 7.28 -0.49
C SER A 133 -14.53 6.56 0.83
N GLN A 134 -14.20 5.27 0.94
CA GLN A 134 -14.56 4.46 2.10
C GLN A 134 -13.34 3.91 2.84
N GLY A 135 -12.11 4.19 2.36
CA GLY A 135 -10.88 3.61 2.93
C GLY A 135 -10.69 2.16 2.49
N LEU A 136 -9.51 1.61 2.78
CA LEU A 136 -9.29 0.20 2.60
C LEU A 136 -10.20 -0.53 3.59
N ARG A 137 -10.86 -1.57 3.10
CA ARG A 137 -11.76 -2.37 3.91
C ARG A 137 -11.32 -3.83 3.84
N ILE A 138 -11.72 -4.58 4.87
CA ILE A 138 -11.55 -6.01 4.90
C ILE A 138 -12.53 -6.62 3.89
N ALA A 139 -12.11 -7.65 3.15
CA ALA A 139 -13.03 -8.46 2.31
C ALA A 139 -14.25 -8.90 3.12
N PRO A 140 -15.47 -8.82 2.56
CA PRO A 140 -16.69 -9.05 3.34
C PRO A 140 -16.75 -10.48 3.85
N PRO A 141 -17.48 -10.74 4.96
CA PRO A 141 -17.44 -12.03 5.64
C PRO A 141 -17.59 -13.25 4.71
N GLU A 142 -18.31 -13.07 3.59
CA GLU A 142 -18.80 -14.16 2.75
C GLU A 142 -17.97 -14.29 1.46
N ALA A 143 -17.01 -13.38 1.20
CA ALA A 143 -16.16 -13.47 0.00
C ALA A 143 -15.24 -14.69 0.13
N PRO A 144 -14.76 -15.31 -0.99
CA PRO A 144 -13.82 -16.44 -0.89
C PRO A 144 -12.39 -16.08 -0.48
N VAL A 145 -11.75 -17.04 0.16
CA VAL A 145 -10.58 -16.90 1.00
C VAL A 145 -9.30 -17.12 0.19
N THR A 146 -9.43 -17.84 -0.93
CA THR A 146 -8.32 -18.13 -1.82
C THR A 146 -7.74 -16.75 -2.17
N GLY A 147 -6.43 -16.64 -2.16
CA GLY A 147 -5.81 -15.36 -2.38
C GLY A 147 -5.31 -14.72 -1.10
N TYR A 148 -5.74 -15.24 0.06
CA TYR A 148 -5.48 -14.59 1.35
C TYR A 148 -4.91 -15.64 2.31
N MET A 149 -3.65 -15.49 2.69
CA MET A 149 -2.98 -16.51 3.44
C MET A 149 -3.38 -16.53 4.91
N PHE A 150 -3.88 -15.39 5.41
CA PHE A 150 -4.07 -15.26 6.84
C PHE A 150 -5.44 -14.72 7.16
N GLY A 151 -6.41 -15.10 6.36
CA GLY A 151 -7.77 -14.71 6.63
C GLY A 151 -8.06 -13.34 6.05
N LYS A 152 -9.31 -12.92 6.23
CA LYS A 152 -9.77 -11.67 5.76
C LYS A 152 -9.23 -10.58 6.67
N GLY A 153 -8.35 -9.75 6.10
CA GLY A 153 -7.83 -8.54 6.73
C GLY A 153 -7.45 -7.54 5.65
N ILE A 154 -6.68 -6.53 6.02
CA ILE A 154 -6.16 -5.64 5.00
C ILE A 154 -4.69 -5.98 4.82
N TYR A 155 -4.32 -6.29 3.57
CA TYR A 155 -3.00 -6.79 3.22
C TYR A 155 -2.09 -5.69 2.64
N PHE A 156 -0.84 -5.67 3.11
CA PHE A 156 0.19 -4.76 2.63
C PHE A 156 1.52 -5.48 2.37
N ALA A 157 2.34 -4.92 1.47
CA ALA A 157 3.66 -5.44 1.23
C ALA A 157 4.70 -4.36 1.60
N ASP A 158 5.94 -4.80 1.81
CA ASP A 158 7.08 -3.89 1.90
C ASP A 158 7.89 -3.94 0.61
N MET A 159 7.49 -4.76 -0.36
CA MET A 159 8.10 -4.81 -1.66
C MET A 159 7.12 -4.22 -2.67
N VAL A 160 7.47 -3.09 -3.28
CA VAL A 160 6.53 -2.38 -4.13
C VAL A 160 5.93 -3.34 -5.17
N SER A 161 6.74 -4.26 -5.73
CA SER A 161 6.28 -5.08 -6.87
C SER A 161 5.20 -6.09 -6.44
N LYS A 162 5.34 -6.59 -5.21
CA LYS A 162 4.37 -7.54 -4.68
C LYS A 162 2.98 -6.88 -4.70
N SER A 163 2.92 -5.62 -4.27
CA SER A 163 1.66 -4.89 -4.27
C SER A 163 1.28 -4.46 -5.69
N ALA A 164 2.27 -4.09 -6.51
CA ALA A 164 2.02 -3.54 -7.85
C ALA A 164 1.40 -4.61 -8.75
N ASN A 165 1.75 -5.88 -8.52
CA ASN A 165 1.14 -7.03 -9.18
C ASN A 165 -0.38 -6.95 -9.05
N TYR A 166 -0.91 -6.48 -7.91
CA TYR A 166 -2.37 -6.50 -7.70
C TYR A 166 -3.07 -5.34 -8.43
N CYS A 167 -2.31 -4.52 -9.18
CA CYS A 167 -2.90 -3.47 -10.04
C CYS A 167 -3.53 -4.09 -11.30
N HIS A 168 -3.04 -5.28 -11.67
CA HIS A 168 -3.51 -6.04 -12.83
C HIS A 168 -3.44 -5.13 -14.05
N THR A 169 -2.32 -4.42 -14.13
CA THR A 169 -1.88 -3.58 -15.24
C THR A 169 -1.40 -4.48 -16.38
N SER A 170 -1.43 -4.00 -17.63
CA SER A 170 -0.95 -4.79 -18.80
C SER A 170 -0.27 -3.87 -19.83
N GLN A 171 0.41 -4.50 -20.80
CA GLN A 171 1.01 -3.81 -21.98
C GLN A 171 0.02 -2.77 -22.52
N GLY A 172 -1.22 -3.24 -22.70
CA GLY A 172 -2.31 -2.48 -23.30
C GLY A 172 -2.82 -1.39 -22.37
N ASP A 173 -2.69 -1.62 -21.07
CA ASP A 173 -3.11 -0.66 -20.05
C ASP A 173 -1.99 -0.51 -19.02
N PRO A 174 -0.93 0.31 -19.28
CA PRO A 174 0.32 0.21 -18.53
C PRO A 174 0.43 1.11 -17.30
N ILE A 175 -0.65 1.85 -16.99
CA ILE A 175 -0.71 2.82 -15.91
C ILE A 175 -1.57 2.22 -14.80
N GLY A 176 -1.07 2.25 -13.56
CA GLY A 176 -1.79 1.79 -12.42
C GLY A 176 -1.62 2.70 -11.23
N LEU A 177 -2.33 2.38 -10.15
CA LEU A 177 -2.32 3.14 -8.94
C LEU A 177 -1.99 2.22 -7.76
N ILE A 178 -1.21 2.75 -6.82
CA ILE A 178 -0.79 2.05 -5.64
C ILE A 178 -0.80 3.02 -4.46
N LEU A 179 -1.10 2.51 -3.27
CA LEU A 179 -1.17 3.30 -2.09
C LEU A 179 0.09 3.05 -1.25
N LEU A 180 0.42 4.06 -0.44
CA LEU A 180 1.25 3.91 0.68
C LEU A 180 0.42 4.31 1.88
N GLY A 181 0.23 3.36 2.79
CA GLY A 181 -0.47 3.61 4.02
C GLY A 181 0.48 3.52 5.19
N GLU A 182 0.22 4.37 6.19
CA GLU A 182 0.74 4.17 7.50
C GLU A 182 -0.09 3.07 8.21
N VAL A 183 0.59 2.00 8.63
CA VAL A 183 -0.08 0.88 9.20
C VAL A 183 0.44 0.65 10.61
N ALA A 184 -0.50 0.67 11.56
CA ALA A 184 -0.19 0.49 12.96
C ALA A 184 -0.10 -1.01 13.26
N LEU A 185 1.10 -1.56 13.20
CA LEU A 185 1.27 -2.99 13.28
C LEU A 185 1.36 -3.46 14.73
N GLY A 186 1.83 -2.58 15.64
CA GLY A 186 2.06 -2.96 17.01
C GLY A 186 2.83 -4.27 17.12
N ASN A 187 2.34 -5.16 17.98
CA ASN A 187 2.93 -6.44 18.22
C ASN A 187 2.40 -7.37 17.12
N MET A 188 3.32 -7.83 16.28
CA MET A 188 3.06 -8.62 15.13
C MET A 188 3.08 -10.09 15.49
N TYR A 189 2.08 -10.81 14.99
CA TYR A 189 2.00 -12.26 15.02
C TYR A 189 2.66 -12.76 13.74
N GLU A 190 3.86 -13.33 13.89
CA GLU A 190 4.76 -13.60 12.82
C GLU A 190 4.66 -15.07 12.43
N LEU A 191 4.23 -15.30 11.19
CA LEU A 191 3.88 -16.64 10.71
C LEU A 191 4.58 -16.89 9.39
N LYS A 192 4.90 -18.15 9.14
CA LYS A 192 5.61 -18.56 7.95
C LYS A 192 4.64 -19.27 7.01
N HIS A 193 3.54 -19.81 7.56
CA HIS A 193 2.62 -20.63 6.77
C HIS A 193 1.18 -20.14 6.95
N ALA A 194 0.41 -20.37 5.88
CA ALA A 194 -0.97 -19.98 5.76
C ALA A 194 -1.73 -20.47 6.98
N SER A 195 -2.51 -19.57 7.58
CA SER A 195 -3.35 -19.87 8.71
C SER A 195 -4.48 -18.85 8.76
N HIS A 196 -5.72 -19.32 8.74
CA HIS A 196 -6.88 -18.45 8.73
C HIS A 196 -7.13 -17.96 10.15
N ILE A 197 -6.51 -16.83 10.48
CA ILE A 197 -6.57 -16.20 11.79
C ILE A 197 -7.97 -15.61 12.00
N SER A 198 -8.73 -16.25 12.92
CA SER A 198 -10.08 -15.83 13.36
C SER A 198 -10.02 -14.79 14.49
N LYS A 199 -8.96 -14.83 15.30
CA LYS A 199 -8.77 -13.94 16.44
C LYS A 199 -7.27 -13.84 16.72
N LEU A 200 -6.73 -12.64 16.81
CA LEU A 200 -5.33 -12.45 17.16
C LEU A 200 -5.07 -12.93 18.59
N PRO A 201 -3.90 -13.57 18.84
CA PRO A 201 -3.44 -13.84 20.20
C PRO A 201 -3.42 -12.55 21.03
N LYS A 202 -3.61 -12.69 22.33
CA LYS A 202 -3.66 -11.54 23.24
C LYS A 202 -2.37 -10.72 23.07
N GLY A 203 -2.54 -9.41 22.92
CA GLY A 203 -1.46 -8.45 22.85
C GLY A 203 -0.97 -8.22 21.44
N LYS A 204 -1.48 -8.98 20.47
CA LYS A 204 -1.03 -8.83 19.09
C LYS A 204 -1.98 -7.87 18.36
N HIS A 205 -1.44 -7.06 17.44
CA HIS A 205 -2.26 -6.06 16.74
C HIS A 205 -2.32 -6.33 15.24
N SER A 206 -1.53 -7.28 14.77
CA SER A 206 -1.33 -7.54 13.33
C SER A 206 -0.66 -8.91 13.14
N VAL A 207 -0.67 -9.38 11.89
CA VAL A 207 0.03 -10.54 11.44
C VAL A 207 1.09 -10.07 10.45
N LYS A 208 2.30 -10.63 10.58
CA LYS A 208 3.28 -10.51 9.54
C LYS A 208 3.62 -11.90 9.01
N GLY A 209 3.38 -12.11 7.72
CA GLY A 209 3.91 -13.27 6.99
C GLY A 209 5.38 -13.06 6.69
N LEU A 210 6.24 -13.95 7.18
CA LEU A 210 7.72 -13.83 7.02
C LEU A 210 8.18 -14.36 5.66
N GLY A 211 8.66 -13.45 4.81
CA GLY A 211 9.28 -13.79 3.55
C GLY A 211 10.72 -14.23 3.72
N LYS A 212 11.18 -14.96 2.70
CA LYS A 212 12.56 -15.36 2.53
C LYS A 212 13.42 -14.13 2.24
N THR A 213 12.85 -13.15 1.53
CA THR A 213 13.53 -11.91 1.23
C THR A 213 12.87 -10.78 2.00
N THR A 214 13.70 -9.86 2.50
CA THR A 214 13.23 -8.71 3.26
C THR A 214 14.05 -7.48 2.90
N PRO A 215 13.46 -6.27 2.84
CA PRO A 215 14.25 -5.06 2.78
C PRO A 215 15.26 -5.08 3.92
N ASP A 216 16.45 -4.58 3.66
CA ASP A 216 17.50 -4.61 4.64
C ASP A 216 17.04 -3.84 5.89
N PRO A 217 16.79 -4.51 7.04
CA PRO A 217 16.31 -3.82 8.25
C PRO A 217 17.21 -2.67 8.75
N SER A 218 18.51 -2.73 8.46
CA SER A 218 19.44 -1.68 8.85
C SER A 218 19.27 -0.42 7.97
N ALA A 219 18.54 -0.51 6.86
CA ALA A 219 18.41 0.63 5.92
C ALA A 219 17.06 1.35 6.08
N ASN A 220 16.30 0.98 7.12
CA ASN A 220 15.05 1.65 7.47
C ASN A 220 15.31 3.15 7.69
N ILE A 221 14.29 3.93 7.36
CA ILE A 221 14.33 5.35 7.40
C ILE A 221 13.03 5.75 8.12
N SER A 222 13.01 6.94 8.67
CA SER A 222 11.83 7.46 9.34
C SER A 222 11.31 8.67 8.55
N LEU A 223 10.04 8.60 8.14
CA LEU A 223 9.33 9.71 7.49
C LEU A 223 8.12 10.05 8.36
N ASP A 224 8.17 11.24 8.98
CA ASP A 224 7.14 11.72 9.85
C ASP A 224 6.91 10.73 10.99
N GLY A 225 7.98 10.11 11.51
CA GLY A 225 7.92 9.15 12.63
C GLY A 225 7.27 7.83 12.26
N VAL A 226 7.25 7.52 10.96
CA VAL A 226 6.79 6.23 10.42
C VAL A 226 8.00 5.53 9.76
N ASP A 227 8.24 4.25 10.10
CA ASP A 227 9.33 3.46 9.51
C ASP A 227 8.98 3.14 8.05
N VAL A 228 9.96 3.39 7.16
CA VAL A 228 9.93 3.06 5.77
C VAL A 228 11.02 2.03 5.51
N PRO A 229 10.64 0.77 5.22
CA PRO A 229 11.62 -0.29 4.94
C PRO A 229 12.00 -0.30 3.45
N LEU A 230 12.79 0.69 3.06
CA LEU A 230 13.13 0.89 1.66
C LEU A 230 14.53 0.37 1.34
N GLY A 231 15.15 -0.38 2.23
CA GLY A 231 16.44 -1.04 1.92
C GLY A 231 16.26 -2.05 0.80
N THR A 232 17.31 -2.29 0.03
CA THR A 232 17.32 -3.37 -0.95
C THR A 232 17.09 -4.69 -0.21
N GLY A 233 16.47 -5.66 -0.89
CA GLY A 233 16.09 -6.95 -0.34
C GLY A 233 17.30 -7.82 -0.10
N ILE A 234 17.34 -8.45 1.08
CA ILE A 234 18.37 -9.36 1.46
C ILE A 234 17.67 -10.63 1.92
N SER A 235 18.46 -11.68 2.11
CA SER A 235 17.91 -12.86 2.67
C SER A 235 17.51 -12.58 4.12
N SER A 236 16.30 -13.00 4.50
CA SER A 236 15.75 -12.78 5.80
C SER A 236 16.45 -13.67 6.83
N GLY A 237 17.00 -14.79 6.35
CA GLY A 237 17.45 -15.87 7.18
C GLY A 237 16.30 -16.59 7.89
N VAL A 238 15.07 -16.39 7.43
CA VAL A 238 14.01 -17.19 7.95
C VAL A 238 13.95 -18.46 7.11
N ASN A 239 14.08 -19.62 7.78
CA ASN A 239 14.02 -20.92 7.17
C ASN A 239 12.60 -21.49 7.15
N ASP A 240 12.37 -22.35 6.14
CA ASP A 240 11.15 -23.12 6.00
CA ASP A 240 11.13 -23.13 5.98
C ASP A 240 9.95 -22.16 6.06
N THR A 241 10.00 -21.12 5.22
CA THR A 241 8.89 -20.22 5.09
C THR A 241 8.32 -20.41 3.69
N SER A 242 7.00 -20.31 3.57
CA SER A 242 6.32 -20.55 2.32
C SER A 242 6.23 -19.27 1.49
N LEU A 243 6.54 -18.14 2.11
CA LEU A 243 6.47 -16.84 1.47
C LEU A 243 7.86 -16.46 0.95
N LEU A 244 7.91 -15.93 -0.27
CA LEU A 244 9.08 -15.26 -0.82
C LEU A 244 9.31 -13.91 -0.14
N TYR A 245 8.22 -13.16 0.10
CA TYR A 245 8.32 -11.78 0.55
C TYR A 245 7.35 -11.60 1.70
N ASN A 246 7.65 -10.60 2.54
CA ASN A 246 6.84 -10.33 3.67
C ASN A 246 5.45 -9.93 3.18
N GLU A 247 4.50 -10.09 4.07
CA GLU A 247 3.26 -9.35 3.94
C GLU A 247 2.76 -9.05 5.35
N TYR A 248 1.93 -8.01 5.44
CA TYR A 248 1.45 -7.53 6.68
C TYR A 248 -0.06 -7.36 6.60
N ILE A 249 -0.74 -7.79 7.66
CA ILE A 249 -2.20 -7.88 7.71
C ILE A 249 -2.70 -7.26 9.02
N VAL A 250 -3.66 -6.34 8.88
CA VAL A 250 -4.41 -5.80 10.02
C VAL A 250 -5.89 -6.18 9.83
N TYR A 251 -6.59 -6.33 10.95
CA TYR A 251 -7.93 -6.93 10.97
C TYR A 251 -8.94 -5.89 11.45
N ASP A 252 -8.47 -4.66 11.63
CA ASP A 252 -9.29 -3.52 12.04
C ASP A 252 -8.96 -2.37 11.08
N ILE A 253 -9.97 -1.83 10.40
CA ILE A 253 -9.79 -0.84 9.34
C ILE A 253 -9.15 0.44 9.90
N ALA A 254 -9.34 0.68 11.20
CA ALA A 254 -8.87 1.85 11.87
C ALA A 254 -7.34 1.88 12.03
N GLN A 255 -6.67 0.74 11.82
CA GLN A 255 -5.21 0.66 11.92
C GLN A 255 -4.52 1.16 10.65
N VAL A 256 -5.26 1.71 9.69
CA VAL A 256 -4.67 2.15 8.46
C VAL A 256 -4.95 3.64 8.29
N ASN A 257 -3.89 4.43 8.09
CA ASN A 257 -3.95 5.83 7.70
C ASN A 257 -3.25 5.97 6.35
N LEU A 258 -4.04 6.08 5.28
CA LEU A 258 -3.49 6.24 3.92
C LEU A 258 -2.69 7.55 3.82
N LYS A 259 -1.56 7.53 3.11
CA LYS A 259 -0.72 8.76 3.06
C LYS A 259 -0.46 9.21 1.63
N TYR A 260 -0.14 8.28 0.76
CA TYR A 260 0.21 8.59 -0.59
C TYR A 260 -0.53 7.66 -1.57
N LEU A 261 -0.77 8.21 -2.74
CA LEU A 261 -1.25 7.47 -3.88
C LEU A 261 -0.30 7.75 -5.04
N LEU A 262 0.28 6.70 -5.62
CA LEU A 262 1.19 6.86 -6.70
C LEU A 262 0.48 6.39 -7.96
N LYS A 263 0.66 7.18 -9.02
CA LYS A 263 0.37 6.79 -10.35
C LYS A 263 1.65 6.23 -10.95
N LEU A 264 1.64 4.94 -11.28
CA LEU A 264 2.83 4.25 -11.74
C LEU A 264 2.71 3.88 -13.22
N LYS A 265 3.84 3.97 -13.92
CA LYS A 265 4.04 3.42 -15.25
C LYS A 265 4.67 2.03 -15.10
N PHE A 266 4.04 1.03 -15.71
CA PHE A 266 4.57 -0.31 -15.87
C PHE A 266 5.14 -0.43 -17.29
N ASN A 267 6.46 -0.67 -17.39
CA ASN A 267 7.13 -0.97 -18.66
C ASN A 267 7.36 -2.48 -18.66
N PHE A 268 6.88 -3.17 -19.70
CA PHE A 268 6.79 -4.63 -19.72
C PHE A 268 8.01 -5.25 -20.44
N LYS A 269 8.36 -6.47 -20.02
CA LYS A 269 9.53 -7.25 -20.48
C LYS A 269 9.52 -7.39 -22.00
#